data_3I6V
#
_entry.id   3I6V
#
_cell.length_a   70.931
_cell.length_b   70.931
_cell.length_c   141.359
_cell.angle_alpha   90.000
_cell.angle_beta   90.000
_cell.angle_gamma   90.000
#
_symmetry.space_group_name_H-M   'P 43 2 2'
#
loop_
_entity.id
_entity.type
_entity.pdbx_description
1 polymer 'periplasmic His/Glu/Gln/Arg/opine family-binding protein'
2 non-polymer LYSINE
3 non-polymer 'SODIUM ION'
4 non-polymer GLYCEROL
5 water water
#
_entity_poly.entity_id   1
_entity_poly.type   'polypeptide(L)'
_entity_poly.pdbx_seq_one_letter_code
;MSLADTVRMGTEGAYPPYNFINDAGEVDGFERELGDELCKRAGLTCEWVKNDWDSIIPNLVSGNYDTIIAGMSITDERDE
VIDFTQNYIPPTASSYVATSDGADLSGIVAAQTATIQAGYIAESGATLVEFATPEETIAAVRNGEADAVFADRDYLVPIV
AESGGELMFVGDDVPLGGGVGMGLRESDGELRGKFDAAITSMKEDGTLNTMIKKWFGEDAAVYEEGHHHHHH
;
_entity_poly.pdbx_strand_id   A
#
# COMPACT_ATOMS: atom_id res chain seq x y z
N THR A 6 1.84 20.64 14.00
CA THR A 6 0.97 19.45 13.77
C THR A 6 1.21 18.97 12.36
N VAL A 7 1.52 17.68 12.22
CA VAL A 7 1.72 17.09 10.91
CA VAL A 7 1.73 17.07 10.92
C VAL A 7 0.44 16.37 10.49
N ARG A 8 -0.07 16.70 9.31
CA ARG A 8 -1.24 16.03 8.78
C ARG A 8 -0.77 14.77 8.01
N MET A 9 -1.09 13.60 8.56
CA MET A 9 -0.72 12.31 7.98
C MET A 9 -1.81 11.86 7.03
N GLY A 10 -1.50 11.80 5.73
CA GLY A 10 -2.48 11.38 4.72
C GLY A 10 -2.42 9.88 4.43
N THR A 11 -3.59 9.24 4.40
CA THR A 11 -3.71 7.83 4.08
C THR A 11 -4.97 7.57 3.27
N GLU A 12 -5.03 6.38 2.66
CA GLU A 12 -6.14 6.02 1.81
C GLU A 12 -7.39 5.60 2.64
N GLY A 13 -7.16 4.86 3.73
CA GLY A 13 -8.28 4.40 4.58
C GLY A 13 -9.10 3.29 3.93
N ALA A 14 -8.49 2.55 3.02
CA ALA A 14 -9.21 1.50 2.29
C ALA A 14 -8.30 0.37 1.86
N TYR A 15 -7.27 0.10 2.65
CA TYR A 15 -6.25 -0.84 2.18
C TYR A 15 -5.78 -1.73 3.32
N PRO A 16 -6.72 -2.57 3.87
CA PRO A 16 -6.31 -3.39 5.02
C PRO A 16 -5.30 -4.48 4.61
N PRO A 17 -4.38 -4.83 5.51
CA PRO A 17 -4.21 -4.38 6.85
C PRO A 17 -3.26 -3.16 6.98
N TYR A 18 -2.77 -2.61 5.86
CA TYR A 18 -1.92 -1.41 5.93
C TYR A 18 -2.65 -0.23 6.58
N ASN A 19 -3.79 0.12 6.00
CA ASN A 19 -4.62 1.20 6.50
C ASN A 19 -6.12 0.97 6.20
N PHE A 20 -6.99 1.46 7.10
CA PHE A 20 -8.45 1.33 6.90
C PHE A 20 -9.18 2.26 7.86
N ILE A 21 -10.46 2.53 7.61
CA ILE A 21 -11.28 3.31 8.55
C ILE A 21 -12.05 2.27 9.39
N ASN A 22 -11.84 2.28 10.71
CA ASN A 22 -12.53 1.32 11.55
C ASN A 22 -14.00 1.73 11.78
N ASP A 23 -14.74 0.90 12.51
CA ASP A 23 -16.19 1.14 12.69
C ASP A 23 -16.51 2.38 13.56
N ALA A 24 -15.50 2.90 14.27
CA ALA A 24 -15.61 4.20 14.95
C ALA A 24 -15.41 5.40 14.04
N GLY A 25 -14.95 5.17 12.81
CA GLY A 25 -14.68 6.28 11.89
C GLY A 25 -13.22 6.77 12.00
N GLU A 26 -12.38 6.02 12.69
CA GLU A 26 -10.98 6.36 12.90
C GLU A 26 -10.04 5.57 11.96
N VAL A 27 -8.97 6.23 11.50
CA VAL A 27 -7.92 5.54 10.76
C VAL A 27 -7.31 4.46 11.65
N ASP A 28 -7.09 3.26 11.10
CA ASP A 28 -6.62 2.13 11.85
C ASP A 28 -5.69 1.35 10.92
N GLY A 29 -5.06 0.30 11.45
CA GLY A 29 -4.18 -0.52 10.62
C GLY A 29 -2.72 -0.39 11.03
N PHE A 30 -1.87 -1.13 10.33
CA PHE A 30 -0.43 -1.10 10.54
C PHE A 30 0.12 0.33 10.57
N GLU A 31 -0.30 1.10 9.58
CA GLU A 31 0.18 2.43 9.36
C GLU A 31 -0.31 3.44 10.36
N ARG A 32 -1.48 3.19 10.96
CA ARG A 32 -1.94 4.04 12.07
C ARG A 32 -0.96 3.87 13.22
N GLU A 33 -0.71 2.62 13.60
CA GLU A 33 0.19 2.37 14.71
C GLU A 33 1.60 2.87 14.40
N LEU A 34 2.06 2.60 13.19
CA LEU A 34 3.40 3.03 12.81
C LEU A 34 3.50 4.55 12.81
N GLY A 35 2.58 5.21 12.11
CA GLY A 35 2.60 6.64 11.99
C GLY A 35 2.58 7.35 13.35
N ASP A 36 1.70 6.87 14.25
CA ASP A 36 1.65 7.45 15.61
C ASP A 36 2.97 7.28 16.33
N GLU A 37 3.57 6.09 16.22
CA GLU A 37 4.84 5.85 16.92
C GLU A 37 6.00 6.67 16.29
N LEU A 38 5.98 6.82 14.96
CA LEU A 38 6.99 7.68 14.32
C LEU A 38 6.88 9.12 14.79
N CYS A 39 5.66 9.66 14.82
CA CYS A 39 5.48 11.02 15.24
C CYS A 39 5.88 11.21 16.72
N LYS A 40 5.58 10.22 17.55
CA LYS A 40 5.97 10.28 18.95
C LYS A 40 7.49 10.38 19.06
N ARG A 41 8.20 9.56 18.29
CA ARG A 41 9.64 9.52 18.35
C ARG A 41 10.32 10.75 17.73
N ALA A 42 9.63 11.39 16.80
CA ALA A 42 10.11 12.62 16.14
C ALA A 42 9.75 13.87 16.91
N GLY A 43 8.94 13.72 17.96
CA GLY A 43 8.44 14.84 18.74
C GLY A 43 7.38 15.66 18.01
N LEU A 44 6.56 15.00 17.19
CA LEU A 44 5.55 15.72 16.43
C LEU A 44 4.16 15.30 16.90
N THR A 45 3.18 16.18 16.81
CA THR A 45 1.82 15.75 17.08
C THR A 45 1.14 15.56 15.72
N CYS A 46 0.33 14.54 15.60
CA CYS A 46 -0.28 14.31 14.31
C CYS A 46 -1.78 14.27 14.29
N GLU A 47 -2.31 14.49 13.10
CA GLU A 47 -3.71 14.44 12.82
C GLU A 47 -3.83 13.61 11.53
N TRP A 48 -4.78 12.71 11.49
CA TRP A 48 -4.94 11.80 10.36
C TRP A 48 -5.93 12.33 9.34
N VAL A 49 -5.56 12.23 8.06
CA VAL A 49 -6.42 12.72 6.96
C VAL A 49 -6.62 11.58 5.97
N LYS A 50 -7.88 11.34 5.57
CA LYS A 50 -8.22 10.30 4.63
C LYS A 50 -8.28 10.91 3.26
N ASN A 51 -7.68 10.27 2.26
CA ASN A 51 -7.77 10.79 0.90
C ASN A 51 -7.83 9.62 -0.06
N ASP A 52 -8.63 9.72 -1.15
CA ASP A 52 -8.71 8.62 -2.10
C ASP A 52 -7.32 8.44 -2.76
N TRP A 53 -7.05 7.20 -3.13
CA TRP A 53 -5.79 6.83 -3.77
C TRP A 53 -5.51 7.60 -5.05
N ASP A 54 -6.52 7.73 -5.92
CA ASP A 54 -6.37 8.40 -7.23
C ASP A 54 -5.76 9.80 -7.12
N SER A 55 -6.10 10.50 -6.06
CA SER A 55 -5.64 11.88 -5.96
C SER A 55 -4.67 12.08 -4.75
N ILE A 56 -4.14 11.00 -4.16
CA ILE A 56 -3.36 11.13 -2.92
C ILE A 56 -2.04 11.88 -3.14
N ILE A 57 -1.43 11.72 -4.32
CA ILE A 57 -0.23 12.46 -4.63
C ILE A 57 -0.54 13.95 -4.93
N PRO A 58 -1.44 14.25 -5.90
CA PRO A 58 -1.71 15.69 -6.15
C PRO A 58 -2.18 16.44 -4.91
N ASN A 59 -2.98 15.80 -4.06
CA ASN A 59 -3.44 16.47 -2.84
C ASN A 59 -2.38 16.68 -1.75
N LEU A 60 -1.33 15.84 -1.73
CA LEU A 60 -0.13 16.13 -0.93
C LEU A 60 0.55 17.35 -1.50
N VAL A 61 0.76 17.34 -2.83
CA VAL A 61 1.47 18.46 -3.49
C VAL A 61 0.73 19.81 -3.27
N SER A 62 -0.61 19.81 -3.24
CA SER A 62 -1.41 21.04 -3.08
CA SER A 62 -1.36 21.06 -3.08
C SER A 62 -1.51 21.48 -1.62
N GLY A 63 -0.98 20.66 -0.71
CA GLY A 63 -0.93 21.04 0.69
C GLY A 63 -2.13 20.65 1.54
N ASN A 64 -2.96 19.70 1.08
CA ASN A 64 -4.07 19.18 1.90
C ASN A 64 -3.63 18.42 3.15
N TYR A 65 -2.43 17.84 3.10
CA TYR A 65 -1.83 17.16 4.24
C TYR A 65 -0.33 17.15 3.96
N ASP A 66 0.45 16.54 4.85
CA ASP A 66 1.90 16.69 4.79
C ASP A 66 2.69 15.44 4.50
N THR A 67 2.07 14.27 4.65
CA THR A 67 2.75 13.02 4.32
C THR A 67 1.78 12.06 3.64
N ILE A 68 2.33 11.09 2.91
CA ILE A 68 1.53 9.94 2.45
C ILE A 68 2.07 8.71 3.17
N ILE A 69 1.24 8.02 3.94
CA ILE A 69 1.62 6.77 4.55
C ILE A 69 0.45 5.82 4.24
N ALA A 70 0.58 5.08 3.14
CA ALA A 70 -0.59 4.48 2.48
C ALA A 70 -0.14 3.31 1.60
N GLY A 71 0.74 2.47 2.13
CA GLY A 71 1.26 1.30 1.40
C GLY A 71 1.86 1.62 0.03
N MET A 72 2.46 2.81 -0.11
CA MET A 72 2.94 3.32 -1.42
C MET A 72 4.39 2.85 -1.63
N SER A 73 4.63 2.09 -2.69
CA SER A 73 5.98 1.67 -3.04
C SER A 73 6.82 2.85 -3.50
N ILE A 74 8.08 2.83 -3.09
CA ILE A 74 9.05 3.83 -3.53
C ILE A 74 9.38 3.51 -5.00
N THR A 75 9.16 4.45 -5.93
CA THR A 75 9.54 4.22 -7.33
C THR A 75 10.17 5.47 -7.93
N ASP A 76 10.93 5.28 -9.01
CA ASP A 76 11.64 6.39 -9.69
C ASP A 76 10.61 7.31 -10.30
N GLU A 77 9.54 6.74 -10.83
CA GLU A 77 8.47 7.53 -11.46
C GLU A 77 7.81 8.48 -10.46
N ARG A 78 7.59 8.01 -9.24
CA ARG A 78 6.93 8.86 -8.25
C ARG A 78 7.94 9.85 -7.68
N ASP A 79 9.18 9.43 -7.63
CA ASP A 79 10.26 10.38 -7.27
C ASP A 79 10.38 11.60 -8.23
N GLU A 80 9.74 11.56 -9.41
CA GLU A 80 9.69 12.75 -10.28
C GLU A 80 8.90 13.87 -9.67
N VAL A 81 7.91 13.56 -8.79
CA VAL A 81 7.06 14.63 -8.20
C VAL A 81 7.07 14.76 -6.66
N ILE A 82 7.42 13.70 -5.96
CA ILE A 82 7.49 13.73 -4.49
C ILE A 82 8.81 13.11 -4.04
N ASP A 83 9.10 13.17 -2.74
CA ASP A 83 10.28 12.52 -2.16
C ASP A 83 9.87 11.46 -1.14
N PHE A 84 10.63 10.37 -1.07
CA PHE A 84 10.30 9.27 -0.13
C PHE A 84 11.29 9.19 1.03
N THR A 85 10.81 8.76 2.20
CA THR A 85 11.70 8.25 3.26
C THR A 85 12.30 6.94 2.77
N GLN A 86 13.20 6.35 3.55
CA GLN A 86 13.58 4.97 3.39
C GLN A 86 12.33 4.08 3.52
N ASN A 87 12.41 2.83 3.06
CA ASN A 87 11.27 1.95 3.21
C ASN A 87 10.97 1.62 4.72
N TYR A 88 9.71 1.34 5.04
CA TYR A 88 9.38 0.90 6.38
C TYR A 88 8.76 -0.50 6.38
N ILE A 89 8.50 -1.03 5.19
CA ILE A 89 8.34 -2.46 5.00
C ILE A 89 9.28 -2.85 3.84
N PRO A 90 10.00 -3.99 3.97
CA PRO A 90 10.83 -4.48 2.90
C PRO A 90 10.01 -4.75 1.64
N PRO A 91 10.67 -4.75 0.45
CA PRO A 91 9.93 -5.03 -0.78
C PRO A 91 9.20 -6.35 -0.63
N THR A 92 7.91 -6.38 -0.94
CA THR A 92 7.18 -7.68 -0.96
C THR A 92 6.51 -7.94 -2.32
N ALA A 93 6.15 -9.19 -2.59
CA ALA A 93 5.74 -9.58 -3.92
C ALA A 93 4.38 -9.02 -4.31
N SER A 94 4.13 -9.06 -5.62
CA SER A 94 2.79 -8.91 -6.17
C SER A 94 2.37 -10.28 -6.70
N SER A 95 1.05 -10.54 -6.74
CA SER A 95 0.52 -11.86 -7.07
C SER A 95 -0.79 -11.76 -7.81
N TYR A 96 -1.14 -12.83 -8.51
CA TYR A 96 -2.42 -12.92 -9.18
C TYR A 96 -3.38 -13.72 -8.30
N VAL A 97 -4.63 -13.28 -8.29
CA VAL A 97 -5.70 -14.00 -7.58
C VAL A 97 -6.88 -14.19 -8.50
N ALA A 98 -7.48 -15.40 -8.45
CA ALA A 98 -8.56 -15.74 -9.36
C ALA A 98 -9.61 -16.65 -8.67
N THR A 99 -10.68 -16.95 -9.39
CA THR A 99 -11.72 -17.89 -8.90
C THR A 99 -11.46 -19.36 -9.32
N SER A 100 -10.54 -19.60 -10.25
CA SER A 100 -10.13 -20.97 -10.61
C SER A 100 -8.64 -21.05 -10.92
N ASP A 101 -8.07 -22.24 -10.79
CA ASP A 101 -6.64 -22.45 -11.05
C ASP A 101 -6.25 -22.17 -12.50
N GLY A 102 -7.17 -22.42 -13.43
CA GLY A 102 -6.90 -22.24 -14.85
C GLY A 102 -7.35 -20.90 -15.39
N ALA A 103 -7.43 -19.89 -14.51
CA ALA A 103 -7.79 -18.55 -14.96
C ALA A 103 -6.79 -18.07 -15.99
N ASP A 104 -7.28 -17.40 -17.02
CA ASP A 104 -6.44 -16.85 -18.07
C ASP A 104 -5.78 -15.52 -17.63
N LEU A 105 -4.52 -15.62 -17.20
CA LEU A 105 -3.73 -14.46 -16.76
C LEU A 105 -3.32 -13.53 -17.90
N SER A 106 -3.63 -13.89 -19.15
CA SER A 106 -3.40 -13.01 -20.27
CA SER A 106 -3.41 -12.98 -20.26
C SER A 106 -4.74 -12.43 -20.74
N GLY A 107 -5.80 -12.72 -19.99
CA GLY A 107 -7.12 -12.14 -20.31
C GLY A 107 -7.30 -10.77 -19.71
N ILE A 108 -8.44 -10.58 -19.04
CA ILE A 108 -8.77 -9.29 -18.41
C ILE A 108 -8.27 -9.30 -16.98
N VAL A 109 -7.31 -8.43 -16.69
CA VAL A 109 -6.73 -8.40 -15.34
C VAL A 109 -7.07 -7.07 -14.67
N ALA A 110 -7.70 -7.17 -13.50
CA ALA A 110 -8.05 -6.00 -12.71
C ALA A 110 -6.83 -5.53 -11.90
N ALA A 111 -6.66 -4.22 -11.80
CA ALA A 111 -5.63 -3.65 -10.91
C ALA A 111 -6.12 -2.30 -10.46
N GLN A 112 -5.70 -1.90 -9.27
CA GLN A 112 -5.99 -0.55 -8.82
C GLN A 112 -5.29 0.51 -9.67
N THR A 113 -6.02 1.59 -9.97
CA THR A 113 -5.48 2.71 -10.72
C THR A 113 -4.24 3.30 -10.03
N ALA A 114 -3.32 3.84 -10.83
CA ALA A 114 -2.13 4.53 -10.30
C ALA A 114 -1.28 3.67 -9.37
N THR A 115 -1.09 2.39 -9.70
CA THR A 115 -0.23 1.52 -8.90
C THR A 115 0.85 0.87 -9.78
N ILE A 116 1.87 0.31 -9.13
CA ILE A 116 2.91 -0.39 -9.88
C ILE A 116 2.31 -1.62 -10.53
N GLN A 117 1.26 -2.18 -9.88
CA GLN A 117 0.59 -3.39 -10.41
C GLN A 117 -0.14 -3.06 -11.68
N ALA A 118 -0.88 -1.95 -11.69
CA ALA A 118 -1.48 -1.48 -12.94
C ALA A 118 -0.41 -1.23 -14.01
N GLY A 119 0.70 -0.59 -13.67
CA GLY A 119 1.79 -0.38 -14.66
C GLY A 119 2.33 -1.67 -15.28
N TYR A 120 2.49 -2.69 -14.44
CA TYR A 120 3.03 -4.00 -14.87
C TYR A 120 2.04 -4.67 -15.81
N ILE A 121 0.75 -4.63 -15.45
CA ILE A 121 -0.25 -5.22 -16.34
C ILE A 121 -0.38 -4.46 -17.66
N ALA A 122 -0.29 -3.13 -17.61
CA ALA A 122 -0.44 -2.32 -18.83
C ALA A 122 0.70 -2.63 -19.81
N GLU A 123 1.92 -2.86 -19.28
CA GLU A 123 3.07 -3.24 -20.13
C GLU A 123 2.95 -4.70 -20.65
N SER A 124 2.24 -5.54 -19.90
CA SER A 124 2.08 -6.97 -20.25
C SER A 124 1.10 -7.16 -21.40
N GLY A 125 1.01 -8.39 -21.90
CA GLY A 125 -0.01 -8.70 -22.91
C GLY A 125 -1.45 -8.72 -22.40
N ALA A 126 -1.63 -8.93 -21.09
CA ALA A 126 -3.00 -8.92 -20.50
C ALA A 126 -3.74 -7.65 -20.87
N THR A 127 -5.07 -7.69 -20.82
CA THR A 127 -5.89 -6.49 -20.95
C THR A 127 -6.11 -5.91 -19.54
N LEU A 128 -5.70 -4.65 -19.34
CA LEU A 128 -5.81 -4.01 -18.03
C LEU A 128 -7.18 -3.35 -17.85
N VAL A 129 -7.85 -3.63 -16.75
CA VAL A 129 -8.93 -2.76 -16.30
C VAL A 129 -8.60 -2.17 -14.91
N GLU A 130 -8.68 -0.86 -14.81
CA GLU A 130 -8.33 -0.13 -13.58
C GLU A 130 -9.54 0.21 -12.73
N PHE A 131 -9.41 0.06 -11.41
CA PHE A 131 -10.45 0.42 -10.45
C PHE A 131 -9.90 1.37 -9.39
N ALA A 132 -10.75 2.27 -8.91
CA ALA A 132 -10.36 3.32 -7.96
C ALA A 132 -9.92 2.75 -6.61
N THR A 133 -10.51 1.64 -6.15
CA THR A 133 -10.22 1.18 -4.79
C THR A 133 -9.79 -0.27 -4.83
N PRO A 134 -9.10 -0.75 -3.77
CA PRO A 134 -8.68 -2.14 -3.76
C PRO A 134 -9.90 -3.11 -3.73
N GLU A 135 -10.90 -2.78 -2.92
CA GLU A 135 -12.07 -3.67 -2.87
C GLU A 135 -12.76 -3.83 -4.22
N GLU A 136 -12.78 -2.81 -5.05
CA GLU A 136 -13.39 -2.92 -6.39
C GLU A 136 -12.69 -3.93 -7.32
N THR A 137 -11.36 -4.04 -7.19
CA THR A 137 -10.62 -5.07 -7.94
C THR A 137 -10.99 -6.47 -7.49
N ILE A 138 -11.24 -6.67 -6.20
CA ILE A 138 -11.62 -8.00 -5.71
C ILE A 138 -13.04 -8.33 -6.21
N ALA A 139 -13.92 -7.34 -6.11
CA ALA A 139 -15.31 -7.49 -6.56
C ALA A 139 -15.37 -7.83 -8.05
N ALA A 140 -14.48 -7.24 -8.86
CA ALA A 140 -14.47 -7.50 -10.31
C ALA A 140 -14.15 -8.96 -10.63
N VAL A 141 -13.31 -9.58 -9.81
CA VAL A 141 -12.95 -11.00 -9.96
C VAL A 141 -14.10 -11.90 -9.51
N ARG A 142 -14.61 -11.62 -8.31
CA ARG A 142 -15.72 -12.38 -7.71
C ARG A 142 -16.95 -12.41 -8.61
N ASN A 143 -17.27 -11.29 -9.26
CA ASN A 143 -18.47 -11.21 -10.08
CA ASN A 143 -18.46 -11.17 -10.10
C ASN A 143 -18.23 -11.55 -11.57
N GLY A 144 -17.00 -11.98 -11.89
CA GLY A 144 -16.64 -12.45 -13.25
C GLY A 144 -16.38 -11.40 -14.30
N GLU A 145 -16.37 -10.12 -13.93
CA GLU A 145 -16.00 -9.06 -14.86
C GLU A 145 -14.51 -9.14 -15.27
N ALA A 146 -13.67 -9.75 -14.44
CA ALA A 146 -12.26 -9.89 -14.76
C ALA A 146 -11.79 -11.30 -14.47
N ASP A 147 -10.86 -11.77 -15.30
CA ASP A 147 -10.23 -13.09 -15.14
C ASP A 147 -9.39 -13.27 -13.88
N ALA A 148 -8.73 -12.19 -13.45
CA ALA A 148 -7.92 -12.23 -12.24
C ALA A 148 -7.64 -10.80 -11.78
N VAL A 149 -7.11 -10.68 -10.58
CA VAL A 149 -6.64 -9.40 -10.06
C VAL A 149 -5.15 -9.56 -9.80
N PHE A 150 -4.39 -8.50 -10.10
CA PHE A 150 -2.95 -8.47 -9.79
C PHE A 150 -2.73 -7.34 -8.77
N ALA A 151 -2.21 -7.70 -7.60
CA ALA A 151 -2.13 -6.78 -6.48
C ALA A 151 -1.05 -7.20 -5.54
N ASP A 152 -0.85 -6.40 -4.50
CA ASP A 152 0.15 -6.68 -3.50
C ASP A 152 -0.20 -7.96 -2.77
N ARG A 153 0.80 -8.82 -2.59
CA ARG A 153 0.60 -10.13 -2.01
C ARG A 153 0.10 -10.00 -0.57
N ASP A 154 0.64 -9.06 0.19
CA ASP A 154 0.19 -8.93 1.57
C ASP A 154 -1.23 -8.42 1.73
N TYR A 155 -1.72 -7.70 0.72
CA TYR A 155 -3.11 -7.29 0.68
C TYR A 155 -3.97 -8.55 0.39
N LEU A 156 -3.51 -9.34 -0.57
CA LEU A 156 -4.27 -10.53 -1.03
C LEU A 156 -4.28 -11.73 -0.05
N VAL A 157 -3.23 -11.94 0.72
CA VAL A 157 -3.16 -13.11 1.61
C VAL A 157 -4.42 -13.25 2.52
N PRO A 158 -4.78 -12.21 3.31
CA PRO A 158 -5.97 -12.37 4.17
C PRO A 158 -7.26 -12.52 3.35
N ILE A 159 -7.31 -11.90 2.19
CA ILE A 159 -8.48 -11.97 1.34
C ILE A 159 -8.73 -13.41 0.83
N VAL A 160 -7.67 -14.06 0.35
CA VAL A 160 -7.71 -15.47 -0.02
C VAL A 160 -8.11 -16.35 1.18
N ALA A 161 -7.51 -16.14 2.33
CA ALA A 161 -7.88 -16.93 3.51
C ALA A 161 -9.36 -16.75 3.93
N GLU A 162 -9.96 -15.57 3.66
CA GLU A 162 -11.33 -15.21 4.11
C GLU A 162 -12.36 -15.68 3.11
N SER A 163 -11.90 -16.14 1.94
CA SER A 163 -12.79 -16.39 0.83
C SER A 163 -13.51 -17.75 0.91
N GLY A 164 -13.18 -18.57 1.90
CA GLY A 164 -13.71 -19.94 1.98
C GLY A 164 -13.50 -20.72 0.69
N GLY A 165 -12.31 -20.57 0.09
CA GLY A 165 -12.00 -21.25 -1.17
C GLY A 165 -12.56 -20.66 -2.45
N GLU A 166 -13.32 -19.56 -2.36
CA GLU A 166 -13.82 -18.92 -3.59
C GLU A 166 -12.72 -18.13 -4.38
N LEU A 167 -11.62 -17.82 -3.71
CA LEU A 167 -10.50 -17.06 -4.32
C LEU A 167 -9.23 -17.80 -4.04
N MET A 168 -8.29 -17.78 -4.99
CA MET A 168 -7.05 -18.48 -4.79
C MET A 168 -5.88 -17.80 -5.54
N PHE A 169 -4.68 -17.97 -5.02
CA PHE A 169 -3.47 -17.55 -5.77
C PHE A 169 -3.25 -18.42 -7.02
N VAL A 170 -2.94 -17.76 -8.14
CA VAL A 170 -2.59 -18.44 -9.38
C VAL A 170 -1.29 -17.84 -9.96
N GLY A 171 -0.52 -18.64 -10.69
CA GLY A 171 0.70 -18.14 -11.33
C GLY A 171 1.81 -17.94 -10.31
N ASP A 172 2.79 -17.11 -10.66
CA ASP A 172 3.94 -16.93 -9.79
C ASP A 172 3.89 -15.54 -9.23
N ASP A 173 4.46 -15.35 -8.04
CA ASP A 173 4.75 -14.04 -7.50
C ASP A 173 5.66 -13.20 -8.44
N VAL A 174 5.51 -11.87 -8.38
CA VAL A 174 6.33 -10.94 -9.18
C VAL A 174 6.88 -9.86 -8.22
N PRO A 175 8.22 -9.68 -8.21
CA PRO A 175 8.74 -8.60 -7.32
C PRO A 175 8.55 -7.24 -8.00
N LEU A 176 7.94 -6.27 -7.31
CA LEU A 176 7.74 -4.95 -7.91
C LEU A 176 7.98 -3.89 -6.88
N GLY A 177 8.79 -2.87 -7.24
CA GLY A 177 8.85 -1.64 -6.44
C GLY A 177 9.87 -1.71 -5.31
N GLY A 178 10.14 -0.56 -4.68
CA GLY A 178 11.24 -0.43 -3.74
C GLY A 178 10.93 -0.62 -2.26
N GLY A 179 9.85 -1.31 -1.93
CA GLY A 179 9.44 -1.33 -0.53
C GLY A 179 8.53 -0.13 -0.32
N VAL A 180 7.66 -0.21 0.68
CA VAL A 180 6.74 0.88 1.00
C VAL A 180 7.49 1.98 1.81
N GLY A 181 7.28 3.24 1.46
CA GLY A 181 7.92 4.34 2.17
C GLY A 181 6.93 5.47 2.28
N MET A 182 7.23 6.45 3.13
CA MET A 182 6.35 7.62 3.26
C MET A 182 6.71 8.61 2.21
N GLY A 183 5.69 9.24 1.65
CA GLY A 183 5.88 10.27 0.63
C GLY A 183 5.69 11.64 1.27
N LEU A 184 6.52 12.61 0.86
CA LEU A 184 6.38 14.00 1.30
C LEU A 184 6.67 14.93 0.15
N ARG A 185 6.31 16.21 0.31
CA ARG A 185 6.61 17.18 -0.74
C ARG A 185 8.12 17.31 -0.86
N GLU A 186 8.60 17.61 -2.07
CA GLU A 186 10.04 17.76 -2.29
C GLU A 186 10.65 18.97 -1.58
N SER A 187 9.80 19.91 -1.15
CA SER A 187 10.28 21.08 -0.41
C SER A 187 10.23 20.80 1.10
N ASP A 188 9.99 19.55 1.48
CA ASP A 188 9.90 19.24 2.90
C ASP A 188 11.03 18.36 3.44
N GLY A 189 12.27 18.66 3.05
CA GLY A 189 13.40 17.82 3.45
C GLY A 189 13.61 17.68 4.96
N GLU A 190 13.32 18.74 5.69
CA GLU A 190 13.53 18.72 7.13
C GLU A 190 12.54 17.76 7.81
N LEU A 191 11.27 17.87 7.48
CA LEU A 191 10.27 16.88 7.97
C LEU A 191 10.59 15.44 7.56
N ARG A 192 11.05 15.26 6.31
CA ARG A 192 11.39 13.94 5.80
C ARG A 192 12.55 13.37 6.62
N GLY A 193 13.52 14.24 6.94
CA GLY A 193 14.66 13.83 7.77
C GLY A 193 14.23 13.38 9.17
N LYS A 194 13.27 14.07 9.79
CA LYS A 194 12.70 13.64 11.10
C LYS A 194 12.06 12.25 11.02
N PHE A 195 11.29 12.03 9.95
CA PHE A 195 10.71 10.72 9.78
C PHE A 195 11.76 9.68 9.51
N ASP A 196 12.76 10.02 8.71
CA ASP A 196 13.83 9.05 8.44
C ASP A 196 14.58 8.64 9.72
N ALA A 197 14.90 9.64 10.54
CA ALA A 197 15.58 9.38 11.81
C ALA A 197 14.68 8.52 12.71
N ALA A 198 13.38 8.78 12.74
CA ALA A 198 12.46 7.91 13.53
C ALA A 198 12.38 6.47 13.00
N ILE A 199 12.28 6.31 11.68
CA ILE A 199 12.26 4.98 11.10
C ILE A 199 13.56 4.19 11.43
N THR A 200 14.70 4.83 11.25
CA THR A 200 16.00 4.19 11.54
C THR A 200 16.06 3.68 13.00
N SER A 201 15.67 4.52 13.95
CA SER A 201 15.58 4.14 15.37
C SER A 201 14.68 2.91 15.61
N MET A 202 13.57 2.77 14.88
CA MET A 202 12.69 1.58 15.03
C MET A 202 13.30 0.34 14.41
N LYS A 203 14.12 0.53 13.36
CA LYS A 203 14.85 -0.58 12.76
C LYS A 203 15.96 -1.06 13.72
N GLU A 204 16.64 -0.10 14.36
CA GLU A 204 17.78 -0.41 15.23
C GLU A 204 17.42 -1.14 16.55
N ASP A 205 16.25 -0.82 17.11
CA ASP A 205 15.78 -1.40 18.36
C ASP A 205 14.78 -2.55 18.21
N GLY A 206 14.45 -2.93 16.98
CA GLY A 206 13.61 -4.10 16.73
C GLY A 206 12.10 -3.87 16.82
N THR A 207 11.66 -2.66 17.15
CA THR A 207 10.23 -2.40 17.28
C THR A 207 9.48 -2.42 15.94
N LEU A 208 10.17 -2.10 14.85
CA LEU A 208 9.53 -2.11 13.52
C LEU A 208 9.28 -3.54 13.09
N ASN A 209 10.27 -4.41 13.27
CA ASN A 209 10.07 -5.85 12.99
C ASN A 209 8.89 -6.45 13.73
N THR A 210 8.76 -6.10 15.02
CA THR A 210 7.66 -6.60 15.86
C THR A 210 6.33 -6.10 15.32
N MET A 211 6.24 -4.80 15.00
CA MET A 211 5.02 -4.23 14.39
C MET A 211 4.70 -4.93 13.08
N ILE A 212 5.71 -5.21 12.25
CA ILE A 212 5.46 -5.88 11.00
C ILE A 212 4.87 -7.29 11.21
N LYS A 213 5.49 -8.07 12.10
CA LYS A 213 5.00 -9.44 12.38
C LYS A 213 3.60 -9.39 13.00
N LYS A 214 3.37 -8.46 13.95
CA LYS A 214 2.04 -8.27 14.54
C LYS A 214 0.95 -8.16 13.44
N TRP A 215 1.18 -7.27 12.46
CA TRP A 215 0.17 -7.01 11.43
C TRP A 215 0.21 -7.92 10.19
N PHE A 216 1.39 -8.41 9.82
CA PHE A 216 1.55 -9.16 8.57
C PHE A 216 1.85 -10.65 8.77
N GLY A 217 2.07 -11.06 10.02
CA GLY A 217 2.24 -12.48 10.34
C GLY A 217 3.68 -12.85 10.68
N GLU A 218 3.85 -13.97 11.39
CA GLU A 218 5.18 -14.41 11.84
C GLU A 218 6.19 -14.64 10.70
N ASP A 219 5.69 -14.94 9.52
CA ASP A 219 6.55 -15.21 8.37
C ASP A 219 6.83 -14.01 7.48
N ALA A 220 6.29 -12.84 7.85
CA ALA A 220 6.51 -11.60 7.10
C ALA A 220 8.01 -11.24 6.97
N ALA A 221 8.38 -10.68 5.82
CA ALA A 221 9.73 -10.20 5.61
C ALA A 221 10.04 -9.05 6.57
N VAL A 222 11.16 -9.16 7.27
CA VAL A 222 11.57 -8.13 8.24
C VAL A 222 12.98 -7.62 7.96
N TYR A 223 13.47 -6.68 8.75
CA TYR A 223 14.77 -6.08 8.48
C TYR A 223 15.98 -6.84 9.07
#